data_3E0P
#
_entry.id   3E0P
#
_cell.length_a   52.484
_cell.length_b   54.240
_cell.length_c   83.179
_cell.angle_alpha   90.00
_cell.angle_beta   90.00
_cell.angle_gamma   90.00
#
_symmetry.space_group_name_H-M   'P 21 21 21'
#
loop_
_entity.id
_entity.type
_entity.pdbx_description
1 polymer Prostasin
2 non-polymer 'benzyl [(1R)-1-({(2S,4R)-2-({(1S)-5-amino-1-[(S)-1,3-benzoxazol-2-yl(hydroxy)methyl]pentyl}carbamoyl)-4-[(4-methylbenzyl)oxy]pyrrolidin-1-yl}carbonyl)-3-phenylpropyl]carbamate'
3 non-polymer GLYCEROL
4 water water
#
_entity_poly.entity_id   1
_entity_poly.type   'polypeptide(L)'
_entity_poly.pdbx_seq_one_letter_code
;ITGGSSAVAGQWPWQVSITYEGVHVCGGSLVSEQWVLSAAHCFPSEHHKEAYEVKLGAHQLDSYSEDAKVSTLKDIIPHP
SYLQEGSQGDIALLQLSRPITFSRYIRPISLPAAQASFPNGLHCTVTGWGHVAPSVSLLTPKPLQQLEVPLISRETCNSL
YNIDAKPEEPHFVQEDMVCAGYVEGGKDACQGDSGGPLSCPVEGLWYLTGIVSWGDACGARNRPGVYTLASSYASWIQSK
VTELQPRVVPQTQESQPDSNLHHHHHHHHHH
;
_entity_poly.pdbx_strand_id   B
#
# COMPACT_ATOMS: atom_id res chain seq x y z
N ILE A 1 0.99 -8.84 6.64
CA ILE A 1 1.08 -8.04 7.88
C ILE A 1 1.43 -8.94 9.05
N THR A 2 2.51 -8.60 9.75
CA THR A 2 2.96 -9.40 10.86
C THR A 2 2.60 -8.67 12.15
N GLY A 3 2.05 -9.40 13.10
CA GLY A 3 1.75 -8.79 14.39
C GLY A 3 0.42 -8.06 14.44
N GLY A 4 -0.39 -8.20 13.38
CA GLY A 4 -1.68 -7.53 13.34
C GLY A 4 -2.81 -8.47 13.69
N SER A 5 -4.03 -8.11 13.26
CA SER A 5 -5.18 -8.94 13.51
C SER A 5 -6.10 -8.87 12.29
N SER A 6 -7.10 -9.73 12.24
CA SER A 6 -7.98 -9.74 11.10
C SER A 6 -8.96 -8.58 11.16
N ALA A 7 -9.05 -7.84 10.08
CA ALA A 7 -10.04 -6.77 9.97
C ALA A 7 -11.41 -7.39 9.88
N VAL A 8 -12.41 -6.68 10.38
CA VAL A 8 -13.80 -7.07 10.12
C VAL A 8 -14.21 -6.62 8.69
N ALA A 9 -15.11 -7.34 8.03
CA ALA A 9 -15.52 -6.97 6.67
C ALA A 9 -16.01 -5.53 6.66
N GLY A 10 -15.67 -4.77 5.62
CA GLY A 10 -16.10 -3.38 5.55
C GLY A 10 -15.27 -2.35 6.29
N GLN A 11 -14.31 -2.80 7.11
CA GLN A 11 -13.53 -1.85 7.88
C GLN A 11 -12.61 -0.94 7.07
N TRP A 12 -11.97 -1.51 6.05
CA TRP A 12 -11.01 -0.75 5.24
C TRP A 12 -11.45 -0.87 3.79
N PRO A 13 -12.52 -0.15 3.43
CA PRO A 13 -13.25 -0.43 2.17
C PRO A 13 -12.54 0.06 0.93
N TRP A 14 -11.41 0.77 1.13
CA TRP A 14 -10.57 1.13 0.00
C TRP A 14 -9.46 0.10 -0.30
N GLN A 15 -9.27 -0.87 0.58
CA GLN A 15 -8.20 -1.85 0.36
C GLN A 15 -8.65 -2.74 -0.79
N VAL A 16 -7.74 -2.97 -1.75
CA VAL A 16 -8.01 -3.92 -2.83
C VAL A 16 -6.87 -4.91 -2.88
N SER A 17 -7.15 -6.07 -3.46
CA SER A 17 -6.15 -7.07 -3.76
C SER A 17 -5.86 -7.05 -5.25
N ILE A 18 -4.61 -6.99 -5.60
CA ILE A 18 -4.23 -7.05 -6.99
C ILE A 18 -3.67 -8.43 -7.24
N THR A 19 -4.24 -9.17 -8.20
CA THR A 19 -3.72 -10.49 -8.50
C THR A 19 -3.14 -10.49 -9.89
N TYR A 20 -2.20 -11.38 -10.11
CA TYR A 20 -1.67 -11.61 -11.43
C TYR A 20 -1.84 -13.09 -11.74
N GLU A 21 -2.48 -13.38 -12.88
CA GLU A 21 -2.86 -14.75 -13.18
C GLU A 21 -3.51 -15.43 -11.98
N GLY A 22 -4.38 -14.67 -11.31
CA GLY A 22 -5.16 -15.17 -10.20
C GLY A 22 -4.49 -15.30 -8.85
N VAL A 23 -3.20 -14.99 -8.78
CA VAL A 23 -2.47 -15.09 -7.52
C VAL A 23 -2.28 -13.70 -6.94
N HIS A 24 -2.59 -13.54 -5.67
CA HIS A 24 -2.45 -12.21 -5.02
C HIS A 24 -1.00 -11.82 -5.02
N VAL A 25 -0.68 -10.63 -5.55
CA VAL A 25 0.71 -10.18 -5.62
C VAL A 25 0.89 -8.88 -4.84
N CYS A 26 -0.17 -8.08 -4.70
CA CYS A 26 0.03 -6.75 -4.08
C CYS A 26 -1.29 -6.22 -3.60
N GLY A 27 -1.22 -5.26 -2.69
CA GLY A 27 -2.40 -4.50 -2.31
C GLY A 27 -2.49 -3.22 -3.15
N GLY A 28 -3.58 -2.51 -2.96
CA GLY A 28 -3.77 -1.21 -3.60
C GLY A 28 -4.88 -0.50 -2.82
N SER A 29 -5.16 0.76 -3.16
CA SER A 29 -6.22 1.53 -2.52
C SER A 29 -7.11 2.15 -3.56
N LEU A 30 -8.39 1.96 -3.43
CA LEU A 30 -9.33 2.60 -4.34
C LEU A 30 -9.31 4.10 -4.03
N VAL A 31 -9.21 4.95 -5.06
CA VAL A 31 -9.13 6.41 -4.81
C VAL A 31 -10.21 7.15 -5.60
N SER A 32 -10.89 6.44 -6.49
CA SER A 32 -12.03 7.11 -7.14
C SER A 32 -12.86 6.03 -7.78
N GLU A 33 -13.85 6.38 -8.60
CA GLU A 33 -14.70 5.34 -9.14
C GLU A 33 -13.92 4.44 -10.10
N GLN A 34 -12.84 4.94 -10.68
CA GLN A 34 -12.16 4.14 -11.68
C GLN A 34 -10.66 4.03 -11.49
N TRP A 35 -10.13 4.51 -10.35
CA TRP A 35 -8.69 4.47 -10.18
C TRP A 35 -8.28 3.88 -8.86
N VAL A 36 -7.18 3.13 -8.93
CA VAL A 36 -6.55 2.53 -7.75
C VAL A 36 -5.11 3.03 -7.71
N LEU A 37 -4.60 3.27 -6.49
CA LEU A 37 -3.18 3.58 -6.30
C LEU A 37 -2.50 2.37 -5.74
N SER A 38 -1.36 2.02 -6.32
CA SER A 38 -0.61 0.94 -5.76
C SER A 38 0.88 1.28 -5.92
N ALA A 39 1.76 0.28 -5.80
CA ALA A 39 3.20 0.55 -5.89
C ALA A 39 3.66 0.22 -7.29
N ALA A 40 4.51 1.05 -7.86
CA ALA A 40 5.03 0.79 -9.22
C ALA A 40 5.72 -0.54 -9.31
N HIS A 41 6.42 -0.93 -8.26
CA HIS A 41 7.24 -2.17 -8.36
C HIS A 41 6.38 -3.44 -8.42
N CYS A 42 5.08 -3.31 -8.21
CA CYS A 42 4.16 -4.43 -8.32
C CYS A 42 3.92 -4.80 -9.78
N PHE A 43 4.43 -4.01 -10.73
CA PHE A 43 4.01 -4.10 -12.16
C PHE A 43 5.18 -4.15 -13.10
N PRO A 44 5.90 -5.28 -13.05
CA PRO A 44 7.07 -5.56 -13.88
C PRO A 44 6.66 -5.48 -15.37
N SER A 45 7.57 -5.02 -16.24
CA SER A 45 7.29 -4.83 -17.66
C SER A 45 6.92 -6.15 -18.34
N GLU A 46 7.44 -7.25 -17.82
CA GLU A 46 7.23 -8.55 -18.44
C GLU A 46 5.75 -8.94 -18.35
N HIS A 47 5.09 -8.56 -17.25
CA HIS A 47 3.70 -9.00 -17.00
C HIS A 47 2.69 -8.42 -18.00
N HIS A 48 1.71 -9.23 -18.37
CA HIS A 48 0.69 -8.76 -19.31
C HIS A 48 -0.50 -8.12 -18.59
N LYS A 49 -0.84 -6.91 -19.03
CA LYS A 49 -1.83 -6.11 -18.37
C LYS A 49 -3.11 -6.92 -18.20
N GLU A 50 -3.51 -7.67 -19.22
CA GLU A 50 -4.80 -8.29 -19.14
C GLU A 50 -4.85 -9.46 -18.15
N ALA A 51 -3.71 -9.83 -17.55
CA ALA A 51 -3.69 -10.94 -16.60
C ALA A 51 -3.88 -10.46 -15.15
N TYR A 52 -3.94 -9.15 -14.96
CA TYR A 52 -4.15 -8.59 -13.66
C TYR A 52 -5.63 -8.51 -13.37
N GLU A 53 -5.98 -8.66 -12.08
CA GLU A 53 -7.32 -8.31 -11.62
C GLU A 53 -7.20 -7.56 -10.32
N VAL A 54 -8.23 -6.78 -10.03
CA VAL A 54 -8.34 -6.05 -8.76
C VAL A 54 -9.59 -6.52 -8.09
N LYS A 55 -9.47 -6.97 -6.88
CA LYS A 55 -10.63 -7.45 -6.15
C LYS A 55 -10.94 -6.45 -5.07
N LEU A 56 -12.15 -5.95 -5.09
CA LEU A 56 -12.58 -4.92 -4.15
C LEU A 56 -13.72 -5.48 -3.31
N GLY A 57 -13.85 -4.99 -2.08
CA GLY A 57 -15.01 -5.33 -1.27
C GLY A 57 -14.95 -6.72 -0.66
N ALA A 58 -13.78 -7.36 -0.66
CA ALA A 58 -13.66 -8.69 -0.08
C ALA A 58 -12.70 -8.62 1.06
N HIS A 59 -13.03 -9.21 2.21
CA HIS A 59 -12.07 -9.21 3.30
CA HIS A 59 -12.12 -9.25 3.37
C HIS A 59 -11.32 -10.54 3.32
N GLN A 60 -11.89 -11.59 2.75
CA GLN A 60 -11.22 -12.88 2.70
C GLN A 60 -11.05 -13.29 1.26
N LEU A 61 -9.81 -13.46 0.84
CA LEU A 61 -9.54 -13.60 -0.59
C LEU A 61 -10.11 -14.89 -1.15
N ASP A 62 -10.18 -15.90 -0.29
CA ASP A 62 -10.58 -17.25 -0.71
C ASP A 62 -12.07 -17.48 -0.50
N SER A 63 -12.77 -16.50 0.06
CA SER A 63 -14.18 -16.65 0.35
C SER A 63 -15.04 -15.79 -0.56
N TYR A 64 -16.04 -16.42 -1.17
CA TYR A 64 -17.01 -15.66 -1.92
C TYR A 64 -17.68 -14.59 -1.04
N SER A 65 -17.84 -13.40 -1.59
CA SER A 65 -18.55 -12.32 -0.91
C SER A 65 -19.48 -11.66 -1.89
N GLU A 66 -20.75 -11.55 -1.50
CA GLU A 66 -21.75 -10.92 -2.36
C GLU A 66 -21.43 -9.45 -2.56
N ASP A 67 -20.52 -8.92 -1.77
CA ASP A 67 -20.23 -7.49 -1.82
C ASP A 67 -18.98 -7.24 -2.63
N ALA A 68 -18.33 -8.30 -3.06
CA ALA A 68 -17.07 -8.20 -3.80
C ALA A 68 -17.28 -7.92 -5.27
N LYS A 69 -16.34 -7.18 -5.85
CA LYS A 69 -16.33 -6.91 -7.27
C LYS A 69 -14.94 -7.18 -7.73
N VAL A 70 -14.79 -7.66 -8.95
CA VAL A 70 -13.43 -7.90 -9.45
C VAL A 70 -13.35 -7.22 -10.81
N SER A 71 -12.24 -6.52 -11.08
CA SER A 71 -12.09 -5.72 -12.26
C SER A 71 -10.76 -6.03 -12.95
N THR A 72 -10.74 -5.93 -14.25
CA THR A 72 -9.47 -5.95 -14.98
C THR A 72 -8.99 -4.49 -15.08
N LEU A 73 -7.82 -4.30 -15.70
CA LEU A 73 -7.23 -2.97 -15.81
C LEU A 73 -7.19 -2.46 -17.24
N LYS A 74 -7.48 -1.19 -17.40
CA LYS A 74 -7.36 -0.52 -18.67
C LYS A 74 -5.98 0.07 -18.81
N ASP A 75 -5.37 0.48 -17.71
CA ASP A 75 -4.07 1.14 -17.82
C ASP A 75 -3.35 0.95 -16.50
N ILE A 76 -2.02 0.92 -16.58
CA ILE A 76 -1.14 0.85 -15.45
C ILE A 76 -0.13 1.97 -15.67
N ILE A 77 -0.10 2.93 -14.77
CA ILE A 77 0.73 4.12 -14.97
C ILE A 77 1.66 4.31 -13.80
N PRO A 78 2.87 3.76 -13.89
CA PRO A 78 3.85 4.05 -12.84
C PRO A 78 4.33 5.51 -12.94
N HIS A 79 4.75 6.09 -11.82
CA HIS A 79 5.23 7.43 -11.91
C HIS A 79 6.49 7.38 -12.74
N PRO A 80 6.69 8.38 -13.61
CA PRO A 80 7.84 8.35 -14.53
C PRO A 80 9.21 8.27 -13.84
N SER A 81 9.33 8.77 -12.62
CA SER A 81 10.65 8.78 -11.99
C SER A 81 11.01 7.37 -11.55
N TYR A 82 10.03 6.50 -11.40
CA TYR A 82 10.34 5.13 -11.09
C TYR A 82 10.96 4.44 -12.30
N LEU A 83 10.36 4.68 -13.45
CA LEU A 83 10.82 4.10 -14.72
C LEU A 83 12.13 4.73 -15.12
N GLN A 84 12.27 6.02 -14.84
CA GLN A 84 13.44 6.74 -15.35
C GLN A 84 14.70 6.56 -14.50
N GLU A 85 14.54 6.58 -13.19
CA GLU A 85 15.68 6.52 -12.28
C GLU A 85 15.59 5.32 -11.32
N GLY A 86 14.39 5.02 -10.84
CA GLY A 86 14.18 3.81 -10.06
C GLY A 86 14.57 3.92 -8.59
N SER A 87 14.95 5.12 -8.13
CA SER A 87 15.34 5.32 -6.72
C SER A 87 14.17 5.75 -5.82
N GLN A 88 13.07 6.13 -6.44
CA GLN A 88 11.89 6.58 -5.73
C GLN A 88 10.76 6.58 -6.76
N GLY A 89 9.64 7.25 -6.47
CA GLY A 89 8.51 7.17 -7.38
C GLY A 89 7.85 5.80 -7.41
N ASP A 90 7.88 5.07 -6.30
CA ASP A 90 7.32 3.74 -6.27
C ASP A 90 5.84 3.86 -6.00
N ILE A 91 5.12 4.23 -7.06
CA ILE A 91 3.69 4.49 -6.97
C ILE A 91 3.16 4.32 -8.37
N ALA A 92 1.97 3.78 -8.46
CA ALA A 92 1.37 3.64 -9.79
C ALA A 92 -0.11 3.87 -9.71
N LEU A 93 -0.66 4.53 -10.73
CA LEU A 93 -2.09 4.61 -10.91
C LEU A 93 -2.59 3.53 -11.83
N LEU A 94 -3.63 2.85 -11.38
CA LEU A 94 -4.24 1.77 -12.14
C LEU A 94 -5.61 2.23 -12.53
N GLN A 95 -5.88 2.23 -13.82
CA GLN A 95 -7.25 2.59 -14.24
C GLN A 95 -8.03 1.32 -14.46
N LEU A 96 -9.13 1.18 -13.74
CA LEU A 96 -9.96 -0.02 -13.87
C LEU A 96 -10.61 0.00 -15.27
N SER A 97 -10.93 -1.20 -15.78
CA SER A 97 -11.55 -1.32 -17.12
C SER A 97 -12.87 -0.59 -17.17
N ARG A 98 -13.62 -0.64 -16.07
CA ARG A 98 -14.89 0.07 -16.00
C ARG A 98 -15.01 0.77 -14.66
N PRO A 99 -15.75 1.90 -14.60
CA PRO A 99 -15.88 2.54 -13.29
C PRO A 99 -16.75 1.67 -12.38
N ILE A 100 -16.45 1.73 -11.09
CA ILE A 100 -17.13 0.91 -10.12
C ILE A 100 -18.16 1.75 -9.41
N THR A 101 -19.19 1.08 -8.89
CA THR A 101 -20.12 1.78 -8.02
C THR A 101 -19.77 1.54 -6.57
N PHE A 102 -19.71 2.59 -5.78
CA PHE A 102 -19.35 2.42 -4.38
C PHE A 102 -20.44 1.72 -3.60
N SER A 103 -20.05 1.08 -2.51
CA SER A 103 -21.02 0.43 -1.60
C SER A 103 -20.54 0.57 -0.17
N ARG A 104 -21.24 -0.09 0.75
CA ARG A 104 -20.78 -0.14 2.13
C ARG A 104 -19.42 -0.80 2.25
N TYR A 105 -19.06 -1.62 1.26
CA TYR A 105 -17.81 -2.38 1.33
C TYR A 105 -16.73 -1.88 0.38
N ILE A 106 -17.08 -0.95 -0.51
CA ILE A 106 -16.14 -0.45 -1.52
C ILE A 106 -16.25 1.06 -1.52
N ARG A 107 -15.24 1.73 -0.96
CA ARG A 107 -15.26 3.18 -0.91
C ARG A 107 -13.84 3.66 -1.10
N PRO A 108 -13.67 4.82 -1.73
CA PRO A 108 -12.34 5.38 -1.96
C PRO A 108 -11.79 6.01 -0.67
N ILE A 109 -10.47 6.06 -0.59
CA ILE A 109 -9.81 6.77 0.50
C ILE A 109 -9.44 8.16 0.01
N SER A 110 -9.56 9.18 0.87
CA SER A 110 -9.11 10.53 0.52
C SER A 110 -7.61 10.62 0.43
N LEU A 111 -7.14 11.36 -0.56
CA LEU A 111 -5.74 11.60 -0.72
C LEU A 111 -5.34 12.90 -0.05
N PRO A 112 -4.14 12.90 0.51
CA PRO A 112 -3.62 14.12 1.14
C PRO A 112 -3.18 15.14 0.10
N ALA A 113 -3.28 16.42 0.45
CA ALA A 113 -2.68 17.51 -0.32
C ALA A 113 -1.15 17.39 -0.41
N ALA A 114 -0.55 18.06 -1.38
CA ALA A 114 0.91 18.04 -1.59
C ALA A 114 1.74 18.38 -0.36
N GLN A 115 1.28 19.32 0.44
CA GLN A 115 2.08 19.67 1.63
C GLN A 115 1.48 19.16 2.91
N ALA A 116 0.65 18.13 2.81
CA ALA A 116 0.06 17.60 4.03
C ALA A 116 1.20 17.00 4.82
N SER A 117 1.22 17.27 6.10
CA SER A 117 2.20 16.63 6.96
C SER A 117 1.50 15.74 7.96
N PHE A 118 2.05 14.56 8.15
CA PHE A 118 1.48 13.65 9.12
C PHE A 118 2.63 13.49 10.09
N PRO A 119 2.34 13.84 11.36
CA PRO A 119 3.39 13.95 12.39
C PRO A 119 4.02 12.60 12.71
N ASN A 120 5.34 12.59 12.90
CA ASN A 120 6.00 11.48 13.61
C ASN A 120 5.18 11.05 14.80
N GLY A 121 4.98 9.76 14.94
CA GLY A 121 4.25 9.21 16.08
C GLY A 121 2.75 9.05 15.87
N LEU A 122 2.20 9.65 14.80
CA LEU A 122 0.79 9.40 14.48
C LEU A 122 0.53 7.90 14.31
N HIS A 123 -0.54 7.41 14.95
CA HIS A 123 -0.82 6.00 14.84
C HIS A 123 -1.70 5.77 13.62
N CYS A 124 -1.10 5.23 12.55
CA CYS A 124 -1.85 4.94 11.31
C CYS A 124 -2.04 3.47 11.24
N THR A 125 -2.69 2.98 10.20
CA THR A 125 -2.98 1.55 10.13
C THR A 125 -2.55 1.08 8.74
N VAL A 126 -1.74 0.05 8.72
CA VAL A 126 -1.41 -0.60 7.43
C VAL A 126 -2.22 -1.90 7.35
N THR A 127 -2.66 -2.24 6.15
CA THR A 127 -3.52 -3.39 5.94
C THR A 127 -2.98 -4.17 4.74
N GLY A 128 -3.29 -5.46 4.72
CA GLY A 128 -2.92 -6.27 3.57
C GLY A 128 -3.07 -7.76 3.81
N TRP A 129 -2.82 -8.51 2.75
CA TRP A 129 -2.92 -9.97 2.77
C TRP A 129 -1.57 -10.61 2.61
N GLY A 130 -0.52 -9.84 2.89
CA GLY A 130 0.86 -10.29 2.86
C GLY A 130 1.22 -11.27 3.97
N HIS A 131 2.47 -11.71 3.96
CA HIS A 131 2.96 -12.65 4.94
C HIS A 131 2.76 -12.15 6.36
N VAL A 132 2.50 -13.09 7.26
CA VAL A 132 2.24 -12.79 8.65
C VAL A 132 3.49 -12.99 9.54
N ALA A 133 4.58 -13.35 8.91
CA ALA A 133 5.90 -13.39 9.51
C ALA A 133 6.87 -13.62 8.38
N PRO A 134 8.16 -13.37 8.61
CA PRO A 134 9.05 -13.61 7.47
C PRO A 134 8.91 -15.08 7.07
N SER A 135 8.74 -15.28 5.77
CA SER A 135 8.58 -16.61 5.24
C SER A 135 7.42 -17.36 5.85
N VAL A 136 6.29 -16.69 6.04
CA VAL A 136 5.11 -17.39 6.50
C VAL A 136 3.90 -16.68 5.90
N SER A 137 3.20 -17.39 5.04
CA SER A 137 1.99 -16.86 4.41
C SER A 137 0.77 -16.83 5.31
N LEU A 138 -0.10 -15.88 5.02
CA LEU A 138 -1.43 -15.84 5.57
C LEU A 138 -2.17 -17.07 5.04
N LEU A 139 -2.76 -17.86 5.93
CA LEU A 139 -3.46 -19.07 5.51
C LEU A 139 -4.83 -18.76 4.95
N THR A 140 -5.30 -19.63 4.08
CA THR A 140 -6.67 -19.65 3.64
C THR A 140 -7.60 -19.53 4.87
N PRO A 141 -8.72 -18.80 4.75
CA PRO A 141 -9.30 -18.13 3.59
C PRO A 141 -8.71 -16.73 3.34
N LYS A 142 -7.58 -16.44 3.98
CA LYS A 142 -6.87 -15.18 3.73
C LYS A 142 -7.62 -13.94 4.18
N PRO A 143 -7.84 -13.81 5.50
CA PRO A 143 -8.60 -12.66 6.00
C PRO A 143 -7.68 -11.44 6.02
N LEU A 144 -8.20 -10.33 5.54
CA LEU A 144 -7.40 -9.12 5.52
C LEU A 144 -6.88 -8.81 6.93
N GLN A 145 -5.59 -8.50 7.03
CA GLN A 145 -4.99 -8.13 8.31
C GLN A 145 -4.86 -6.64 8.40
N GLN A 146 -4.90 -6.15 9.62
CA GLN A 146 -4.72 -4.74 9.89
C GLN A 146 -3.71 -4.59 11.01
N LEU A 147 -2.98 -3.49 11.01
CA LEU A 147 -1.99 -3.28 12.06
C LEU A 147 -1.81 -1.81 12.32
N GLU A 148 -1.94 -1.42 13.58
CA GLU A 148 -1.69 -0.02 13.91
C GLU A 148 -0.19 0.20 14.08
N VAL A 149 0.33 1.24 13.44
CA VAL A 149 1.81 1.46 13.45
C VAL A 149 2.03 2.97 13.57
N PRO A 150 2.91 3.41 14.48
CA PRO A 150 3.18 4.85 14.50
C PRO A 150 4.06 5.26 13.33
N LEU A 151 3.86 6.46 12.82
CA LEU A 151 4.76 6.99 11.82
C LEU A 151 6.12 7.24 12.41
N ILE A 152 7.13 6.95 11.60
CA ILE A 152 8.52 7.17 11.94
C ILE A 152 9.12 8.01 10.82
N SER A 153 9.70 9.15 11.16
CA SER A 153 10.20 10.07 10.14
C SER A 153 11.27 9.41 9.33
N ARG A 154 11.50 9.93 8.12
CA ARG A 154 12.49 9.26 7.29
C ARG A 154 13.87 9.44 7.90
N GLU A 155 14.10 10.52 8.65
CA GLU A 155 15.41 10.67 9.28
C GLU A 155 15.64 9.65 10.36
N THR A 156 14.65 9.43 11.21
CA THR A 156 14.82 8.39 12.20
C THR A 156 14.96 7.03 11.54
N CYS A 157 14.12 6.82 10.54
CA CYS A 157 14.13 5.59 9.79
C CYS A 157 15.49 5.31 9.17
N ASN A 158 16.09 6.31 8.53
CA ASN A 158 17.46 6.09 8.00
C ASN A 158 18.47 5.72 9.06
N SER A 159 18.43 6.42 10.19
CA SER A 159 19.31 6.03 11.29
C SER A 159 19.10 4.61 11.74
N LEU A 160 17.85 4.17 11.82
CA LEU A 160 17.55 2.81 12.26
C LEU A 160 18.09 1.80 11.23
N TYR A 161 17.81 2.03 9.94
CA TYR A 161 18.28 1.13 8.89
C TYR A 161 19.80 1.05 8.88
N ASN A 162 20.47 2.08 9.40
CA ASN A 162 21.92 2.06 9.42
CA ASN A 162 21.92 2.12 9.48
C ASN A 162 22.50 1.19 10.54
N ILE A 163 21.71 0.85 11.56
CA ILE A 163 22.20 -0.04 12.64
C ILE A 163 22.51 -1.42 12.09
N ASP A 164 23.74 -1.93 12.33
CA ASP A 164 24.13 -3.24 11.75
C ASP A 164 23.83 -3.40 10.25
N ALA A 165 23.91 -2.33 9.48
CA ALA A 165 23.61 -2.45 8.07
C ALA A 165 24.90 -2.87 7.39
N LYS A 166 24.76 -3.50 6.24
CA LYS A 166 25.93 -3.65 5.36
C LYS A 166 26.11 -2.33 4.60
N PRO A 167 27.35 -1.82 4.49
CA PRO A 167 27.57 -0.52 3.83
C PRO A 167 27.06 -0.48 2.40
N GLU A 168 27.02 -1.64 1.76
CA GLU A 168 26.64 -1.68 0.34
C GLU A 168 25.21 -2.01 0.06
N GLU A 169 24.42 -2.15 1.11
CA GLU A 169 23.02 -2.46 0.92
C GLU A 169 22.28 -1.15 0.86
N PRO A 170 21.53 -0.97 -0.23
CA PRO A 170 20.59 0.14 -0.49
C PRO A 170 19.46 0.15 0.54
N HIS A 171 19.64 0.95 1.59
CA HIS A 171 18.64 1.05 2.64
C HIS A 171 18.39 2.52 2.89
N PHE A 172 18.29 3.29 1.79
CA PHE A 172 18.02 4.72 1.95
C PHE A 172 16.57 5.16 1.75
N VAL A 173 16.06 5.84 2.77
CA VAL A 173 14.67 6.28 2.78
C VAL A 173 14.70 7.69 2.21
N GLN A 174 14.19 7.79 0.98
CA GLN A 174 14.20 9.02 0.21
C GLN A 174 13.17 10.05 0.67
N GLU A 175 13.22 11.22 0.06
CA GLU A 175 12.38 12.35 0.45
C GLU A 175 10.93 12.10 0.19
N ASP A 176 10.63 11.19 -0.71
CA ASP A 176 9.24 10.86 -0.96
C ASP A 176 8.76 9.62 -0.18
N MET A 177 9.44 9.28 0.91
CA MET A 177 9.12 8.06 1.69
C MET A 177 8.98 8.38 3.16
N VAL A 178 8.26 7.49 3.86
CA VAL A 178 8.09 7.66 5.31
C VAL A 178 8.12 6.25 5.88
N CYS A 179 8.40 6.07 7.15
CA CYS A 179 8.41 4.74 7.69
C CYS A 179 7.26 4.65 8.68
N ALA A 180 6.95 3.43 9.07
CA ALA A 180 6.00 3.25 10.18
C ALA A 180 6.29 1.94 10.83
N GLY A 181 6.16 1.93 12.16
CA GLY A 181 6.40 0.69 12.86
C GLY A 181 7.03 0.92 14.20
N TYR A 182 7.89 -0.03 14.58
CA TYR A 182 8.48 -0.03 15.91
C TYR A 182 9.97 -0.30 15.84
N VAL A 183 10.74 0.36 16.68
CA VAL A 183 12.17 0.05 16.73
C VAL A 183 12.42 -1.41 17.08
N GLU A 184 11.55 -1.95 17.93
CA GLU A 184 11.71 -3.30 18.39
C GLU A 184 11.16 -4.31 17.37
N GLY A 185 10.56 -3.85 16.28
CA GLY A 185 10.08 -4.79 15.27
C GLY A 185 8.92 -5.61 15.78
N GLY A 186 8.70 -6.78 15.18
CA GLY A 186 7.53 -7.60 15.51
C GLY A 186 6.19 -7.19 14.87
N LYS A 187 6.05 -5.94 14.43
CA LYS A 187 4.79 -5.51 13.89
C LYS A 187 5.11 -4.71 12.63
N ASP A 188 4.72 -5.21 11.47
CA ASP A 188 5.14 -4.54 10.24
C ASP A 188 4.33 -5.09 9.07
N ALA A 189 4.42 -4.41 7.93
CA ALA A 189 4.00 -4.97 6.62
C ALA A 189 5.03 -5.94 6.11
N CYS A 190 4.59 -6.92 5.31
CA CYS A 190 5.52 -7.94 4.80
CA CYS A 190 5.48 -8.00 4.83
C CYS A 190 5.27 -8.21 3.32
N GLN A 191 5.98 -9.16 2.75
CA GLN A 191 5.79 -9.41 1.33
C GLN A 191 4.34 -9.73 1.01
N GLY A 192 3.82 -9.11 -0.05
CA GLY A 192 2.44 -9.26 -0.40
C GLY A 192 1.59 -8.09 0.09
N ASP A 193 2.14 -7.28 0.97
CA ASP A 193 1.46 -6.08 1.43
C ASP A 193 1.78 -4.90 0.53
N SER A 194 2.85 -5.01 -0.25
CA SER A 194 3.25 -3.98 -1.22
C SER A 194 2.10 -3.36 -1.94
N GLY A 195 2.08 -2.04 -2.01
CA GLY A 195 1.10 -1.34 -2.84
C GLY A 195 -0.11 -0.97 -1.99
N GLY A 196 -0.32 -1.62 -0.84
CA GLY A 196 -1.52 -1.35 -0.06
C GLY A 196 -1.39 -0.07 0.78
N PRO A 197 -2.45 0.30 1.49
CA PRO A 197 -2.51 1.61 2.14
C PRO A 197 -1.89 1.66 3.53
N LEU A 198 -1.23 2.77 3.83
CA LEU A 198 -0.99 3.25 5.19
C LEU A 198 -2.05 4.35 5.37
N SER A 199 -3.11 4.04 6.13
CA SER A 199 -4.26 4.93 6.32
C SER A 199 -4.06 5.70 7.64
N CYS A 200 -4.07 7.03 7.58
CA CYS A 200 -3.82 7.80 8.82
C CYS A 200 -5.05 8.57 9.17
N PRO A 201 -5.30 8.66 10.48
CA PRO A 201 -6.50 9.39 10.90
C PRO A 201 -6.21 10.88 11.06
N VAL A 202 -7.03 11.70 10.42
CA VAL A 202 -6.93 13.16 10.49
CA VAL A 202 -6.96 13.13 10.65
C VAL A 202 -8.32 13.78 10.50
N GLU A 203 -8.58 14.64 11.47
CA GLU A 203 -9.86 15.37 11.55
C GLU A 203 -11.10 14.48 11.33
N GLY A 204 -11.10 13.33 11.99
CA GLY A 204 -12.26 12.46 11.94
C GLY A 204 -12.35 11.60 10.70
N LEU A 205 -11.40 11.78 9.80
CA LEU A 205 -11.40 11.09 8.50
C LEU A 205 -10.19 10.19 8.44
N TRP A 206 -10.06 9.46 7.35
CA TRP A 206 -8.84 8.67 7.07
C TRP A 206 -8.25 9.11 5.72
N TYR A 207 -6.93 9.26 5.68
CA TYR A 207 -6.25 9.67 4.47
C TYR A 207 -5.24 8.64 4.08
N LEU A 208 -4.96 8.53 2.78
CA LEU A 208 -3.91 7.61 2.33
C LEU A 208 -2.58 8.32 2.49
N THR A 209 -1.87 8.04 3.56
CA THR A 209 -0.60 8.74 3.80
C THR A 209 0.50 8.06 3.06
N GLY A 210 0.45 6.76 3.00
CA GLY A 210 1.56 6.05 2.40
C GLY A 210 1.09 4.83 1.61
N ILE A 211 1.99 4.31 0.78
CA ILE A 211 1.76 3.11 0.02
C ILE A 211 2.89 2.17 0.38
N VAL A 212 2.54 0.96 0.80
CA VAL A 212 3.56 0.01 1.29
C VAL A 212 4.58 -0.20 0.18
N SER A 213 5.86 -0.04 0.48
CA SER A 213 6.85 -0.04 -0.58
C SER A 213 7.91 -1.08 -0.29
N TRP A 214 8.67 -0.93 0.79
CA TRP A 214 9.81 -1.85 0.98
C TRP A 214 10.24 -1.92 2.42
N GLY A 215 11.16 -2.82 2.72
CA GLY A 215 11.73 -2.84 4.05
C GLY A 215 12.79 -3.90 4.05
N ASP A 216 13.19 -4.36 5.23
CA ASP A 216 14.04 -5.55 5.32
C ASP A 216 13.06 -6.72 5.64
N ALA A 217 13.56 -7.78 6.25
CA ALA A 217 12.70 -8.92 6.63
C ALA A 217 11.53 -8.46 7.49
N CYS A 218 10.35 -8.99 7.27
CA CYS A 218 9.21 -8.34 7.93
C CYS A 218 9.29 -8.43 9.47
N GLY A 219 9.14 -7.30 10.15
CA GLY A 219 9.14 -7.30 11.60
C GLY A 219 10.53 -7.33 12.21
N ALA A 220 11.57 -7.24 11.40
CA ALA A 220 12.94 -7.20 11.96
C ALA A 220 13.08 -5.98 12.88
N ARG A 221 13.85 -6.11 13.95
CA ARG A 221 14.22 -4.95 14.76
C ARG A 221 14.97 -3.93 13.92
N ASN A 222 14.79 -2.64 14.28
CA ASN A 222 15.45 -1.53 13.60
C ASN A 222 15.17 -1.41 12.11
N ARG A 223 14.05 -1.96 11.66
CA ARG A 223 13.79 -1.99 10.22
C ARG A 223 12.30 -1.84 9.97
N PRO A 224 11.73 -0.71 10.39
CA PRO A 224 10.30 -0.50 10.13
C PRO A 224 10.03 -0.37 8.63
N GLY A 225 8.80 -0.73 8.26
CA GLY A 225 8.37 -0.67 6.87
C GLY A 225 8.52 0.73 6.32
N VAL A 226 8.83 0.79 5.02
CA VAL A 226 8.96 2.04 4.32
C VAL A 226 7.83 2.16 3.30
N TYR A 227 7.31 3.38 3.19
CA TYR A 227 6.11 3.67 2.41
C TYR A 227 6.35 4.84 1.51
N THR A 228 5.80 4.78 0.31
CA THR A 228 5.81 5.96 -0.56
C THR A 228 4.79 6.96 -0.05
N LEU A 229 5.20 8.21 0.09
CA LEU A 229 4.23 9.22 0.53
C LEU A 229 3.29 9.65 -0.57
N ALA A 230 2.00 9.52 -0.34
CA ALA A 230 1.03 9.97 -1.31
C ALA A 230 1.09 11.47 -1.49
N SER A 231 1.46 12.22 -0.43
CA SER A 231 1.49 13.66 -0.56
C SER A 231 2.51 14.04 -1.61
N SER A 232 3.58 13.26 -1.73
CA SER A 232 4.65 13.57 -2.65
C SER A 232 4.18 13.48 -4.09
N TYR A 233 3.06 12.81 -4.31
CA TYR A 233 2.56 12.58 -5.66
C TYR A 233 1.20 13.20 -5.93
N ALA A 234 0.74 14.00 -5.00
CA ALA A 234 -0.63 14.51 -5.02
C ALA A 234 -0.97 15.27 -6.33
N SER A 235 -0.07 16.15 -6.74
CA SER A 235 -0.26 16.96 -7.95
C SER A 235 -0.33 16.04 -9.15
N TRP A 236 0.61 15.09 -9.24
CA TRP A 236 0.63 14.15 -10.37
C TRP A 236 -0.63 13.27 -10.38
N ILE A 237 -1.01 12.72 -9.22
CA ILE A 237 -2.19 11.87 -9.17
C ILE A 237 -3.41 12.68 -9.59
N GLN A 238 -3.53 13.89 -9.06
CA GLN A 238 -4.74 14.64 -9.36
C GLN A 238 -4.78 15.02 -10.85
N SER A 239 -3.60 15.35 -11.41
CA SER A 239 -3.55 15.69 -12.83
C SER A 239 -3.92 14.48 -13.68
N LYS A 240 -3.29 13.35 -13.42
CA LYS A 240 -3.59 12.14 -14.24
C LYS A 240 -5.03 11.72 -14.19
N VAL A 241 -5.57 11.66 -12.98
CA VAL A 241 -6.94 11.15 -12.82
C VAL A 241 -7.90 12.13 -13.48
N THR A 242 -7.61 13.41 -13.31
CA THR A 242 -8.58 14.40 -13.80
C THR A 242 -8.53 14.47 -15.30
N GLU A 243 -7.33 14.39 -15.84
CA GLU A 243 -7.22 14.50 -17.29
C GLU A 243 -7.83 13.26 -17.95
N LEU A 244 -7.47 12.07 -17.47
CA LEU A 244 -7.73 10.83 -18.22
C LEU A 244 -9.12 10.26 -17.98
N GLN A 245 -9.63 10.46 -16.77
CA GLN A 245 -10.88 9.82 -16.38
C GLN A 245 -11.33 10.43 -15.07
N PRO A 246 -11.90 11.65 -15.16
CA PRO A 246 -12.27 12.43 -13.97
C PRO A 246 -13.57 11.93 -13.35
#